data_8G3U
#
_entry.id   8G3U
#
_cell.length_a   99.324
_cell.length_b   137.421
_cell.length_c   38.563
_cell.angle_alpha   90.00
_cell.angle_beta   90.00
_cell.angle_gamma   90.00
#
_symmetry.space_group_name_H-M   'P 21 21 2'
#
loop_
_entity.id
_entity.type
_entity.pdbx_description
1 polymer 'Maltodextrin-binding protein, Induced myeloid leukemia cell differentiation protein Mcl-1 chimera'
2 branched alpha-D-glucopyranose-(1-4)-alpha-D-glucopyranose
3 non-polymer 1,2-ETHANEDIOL
4 non-polymer "(1'S,3aS,5R,16R,17S,19Z,21R,21aR)-6'-chloro-20-fluoro-21-{[(5S,9aS)-hexahydropyrazino[2,1-c][1,4]oxazin-8(1H)-yl]methyl}-21-methoxy-16,17-dimethyl-2,3,3',3a,4',16,17,18,21,21a-decahydro-2'H,6H,8H-15lambda~6~-spiro[10,12-(ethanediylidene)-15lambda~6~-furo[3,2-i][1,4]oxazepino[3,4-f][1,2,7]thiadiazacyclohexadecine-7,1'-naphthalene]-13,15,15(4H,14H)-trione"
5 water water
#
_entity_poly.entity_id   1
_entity_poly.type   'polypeptide(L)'
_entity_poly.pdbx_seq_one_letter_code
;GKIEEGKLVIWINGDKGYNGLAEVGKKFEKDTGIKVTVEHPDKLEEKFPQVAATGDGPDIIFWAHDRFGGYAQSGLLAEI
TPDKAFQDKLYPFTWDAVRYNGKLIAYPIAVEALSLIYNKDLLPNPPKTWEEIPALDKELKAKGKSALMFNLQEPYFTWP
LIAADGGYAFKYENGKYDIKDVGVDNAGAKAGLTFLVDLIKNKHMNADTDYSIAEAAFNKGETAMTINGPWAWSNIDTSK
VNYGVTVLPTFKGQPSKPFVGVLSAGINAASPNKELAKEFLENYLLTDEGLEAVNKDKPLGAVALKSYEEELAKDPRIAA
TMENAQKGEIMPNIPQMSAFWYAVRTAVINAASGRQTVDEALKDAQTGSELYRQSLEIISRYLREQATGAADTAPMGASG
ATSRKALETLRRVGDGVQRNHETAFQGMLRKLDIKNEDDVKSLSRVMIHVFSDGVTNWGRIVTLISFGAFVAKHLKTINQ
ESCIEPLAESITDVLVRTKRDWLVKQRGWDGFVEFFHV
;
_entity_poly.pdbx_strand_id   A
#
# COMPACT_ATOMS: atom_id res chain seq x y z
N GLY A 1 -15.61 -16.81 14.87
CA GLY A 1 -14.23 -16.21 14.84
C GLY A 1 -13.11 -17.23 14.66
N LYS A 2 -13.38 -18.40 14.06
CA LYS A 2 -12.36 -19.44 13.78
C LYS A 2 -12.53 -19.92 12.33
N ILE A 3 -11.42 -20.05 11.61
CA ILE A 3 -11.44 -20.56 10.21
C ILE A 3 -11.76 -22.07 10.30
N GLU A 4 -12.71 -22.54 9.49
CA GLU A 4 -13.18 -23.95 9.47
C GLU A 4 -12.08 -24.84 8.85
N GLU A 5 -11.89 -26.03 9.40
CA GLU A 5 -10.92 -27.03 8.92
C GLU A 5 -11.56 -27.90 7.82
N GLY A 6 -10.77 -28.36 6.83
CA GLY A 6 -11.19 -29.30 5.78
C GLY A 6 -11.79 -28.62 4.55
N LYS A 7 -11.56 -27.31 4.40
CA LYS A 7 -11.94 -26.54 3.18
C LYS A 7 -10.91 -25.43 2.95
N LEU A 8 -10.98 -24.77 1.80
CA LEU A 8 -10.19 -23.56 1.53
C LEU A 8 -11.15 -22.45 1.11
N VAL A 9 -11.08 -21.32 1.81
CA VAL A 9 -11.71 -20.03 1.39
C VAL A 9 -10.61 -19.14 0.82
N ILE A 10 -10.86 -18.59 -0.36
CA ILE A 10 -9.91 -17.69 -1.06
C ILE A 10 -10.59 -16.36 -1.35
N TRP A 11 -9.88 -15.27 -1.09
CA TRP A 11 -10.22 -13.88 -1.46
C TRP A 11 -9.29 -13.43 -2.58
N ILE A 12 -9.87 -12.91 -3.66
CA ILE A 12 -9.14 -12.24 -4.77
C ILE A 12 -9.95 -11.03 -5.21
N ASN A 13 -9.29 -10.01 -5.75
CA ASN A 13 -9.99 -8.76 -6.19
C ASN A 13 -10.96 -9.02 -7.36
N GLY A 14 -12.05 -8.26 -7.42
CA GLY A 14 -13.13 -8.41 -8.41
C GLY A 14 -12.70 -8.14 -9.86
N ASP A 15 -11.50 -7.59 -10.09
CA ASP A 15 -11.00 -7.28 -11.45
C ASP A 15 -10.16 -8.45 -11.98
N LYS A 16 -9.93 -9.50 -11.19
CA LYS A 16 -9.07 -10.63 -11.58
C LYS A 16 -9.90 -11.82 -12.04
N GLY A 17 -9.21 -12.84 -12.57
CA GLY A 17 -9.86 -14.05 -13.11
C GLY A 17 -10.36 -14.98 -12.03
N TYR A 18 -11.38 -14.57 -11.28
CA TYR A 18 -11.89 -15.37 -10.13
C TYR A 18 -12.64 -16.64 -10.58
N ASN A 19 -13.28 -16.64 -11.73
CA ASN A 19 -13.94 -17.84 -12.32
C ASN A 19 -12.84 -18.83 -12.73
N GLY A 20 -11.83 -18.34 -13.44
CA GLY A 20 -10.62 -19.14 -13.73
C GLY A 20 -10.06 -19.75 -12.45
N LEU A 21 -9.95 -18.97 -11.37
CA LEU A 21 -9.36 -19.48 -10.10
C LEU A 21 -10.29 -20.55 -9.51
N ALA A 22 -11.60 -20.40 -9.67
CA ALA A 22 -12.59 -21.36 -9.17
C ALA A 22 -12.44 -22.71 -9.89
N GLU A 23 -12.13 -22.70 -11.20
N GLU A 23 -12.11 -22.68 -11.20
CA GLU A 23 -11.88 -23.94 -11.99
CA GLU A 23 -11.86 -23.89 -12.04
C GLU A 23 -10.64 -24.66 -11.44
C GLU A 23 -10.63 -24.65 -11.52
N VAL A 24 -9.59 -23.94 -11.07
CA VAL A 24 -8.41 -24.57 -10.38
C VAL A 24 -8.89 -25.16 -9.05
N GLY A 25 -9.79 -24.46 -8.36
CA GLY A 25 -10.47 -25.00 -7.16
C GLY A 25 -11.07 -26.38 -7.39
N LYS A 26 -11.85 -26.51 -8.48
CA LYS A 26 -12.61 -27.73 -8.84
C LYS A 26 -11.65 -28.89 -9.09
N LYS A 27 -10.54 -28.63 -9.79
CA LYS A 27 -9.50 -29.63 -10.05
C LYS A 27 -8.93 -30.13 -8.72
N PHE A 28 -8.66 -29.23 -7.77
CA PHE A 28 -8.19 -29.54 -6.40
C PHE A 28 -9.21 -30.44 -5.69
N GLU A 29 -10.50 -30.10 -5.77
CA GLU A 29 -11.61 -30.85 -5.13
C GLU A 29 -11.65 -32.29 -5.69
N LYS A 30 -11.56 -32.43 -7.02
CA LYS A 30 -11.56 -33.73 -7.74
C LYS A 30 -10.45 -34.66 -7.18
N ASP A 31 -9.26 -34.13 -6.90
CA ASP A 31 -8.15 -34.98 -6.37
C ASP A 31 -8.38 -35.30 -4.90
N THR A 32 -8.85 -34.34 -4.10
CA THR A 32 -8.70 -34.33 -2.62
C THR A 32 -10.04 -34.52 -1.89
N GLY A 33 -11.19 -34.27 -2.52
CA GLY A 33 -12.48 -34.13 -1.83
C GLY A 33 -12.63 -32.84 -1.04
N ILE A 34 -11.69 -31.89 -1.15
CA ILE A 34 -11.74 -30.59 -0.40
C ILE A 34 -12.37 -29.52 -1.30
N LYS A 35 -13.46 -28.91 -0.82
CA LYS A 35 -14.14 -27.76 -1.48
C LYS A 35 -13.30 -26.47 -1.37
N VAL A 36 -13.20 -25.75 -2.50
CA VAL A 36 -12.52 -24.43 -2.60
C VAL A 36 -13.57 -23.38 -2.95
N THR A 37 -13.80 -22.44 -2.05
CA THR A 37 -14.70 -21.27 -2.22
C THR A 37 -13.84 -20.06 -2.58
N VAL A 38 -14.06 -19.47 -3.75
CA VAL A 38 -13.40 -18.21 -4.21
C VAL A 38 -14.41 -17.08 -3.99
N GLU A 39 -14.01 -16.03 -3.27
CA GLU A 39 -14.83 -14.81 -3.04
C GLU A 39 -14.06 -13.59 -3.54
N HIS A 40 -14.78 -12.56 -3.98
CA HIS A 40 -14.18 -11.25 -4.38
C HIS A 40 -14.89 -10.12 -3.64
N PRO A 41 -14.81 -10.03 -2.28
CA PRO A 41 -15.53 -9.00 -1.53
C PRO A 41 -14.94 -7.61 -1.84
N ASP A 42 -15.77 -6.58 -1.79
CA ASP A 42 -15.35 -5.15 -1.95
C ASP A 42 -14.35 -4.80 -0.83
N LYS A 43 -13.31 -4.03 -1.19
CA LYS A 43 -12.31 -3.48 -0.24
C LYS A 43 -11.67 -4.61 0.55
N LEU A 44 -11.36 -5.74 -0.12
CA LEU A 44 -10.86 -6.95 0.59
C LEU A 44 -9.50 -6.64 1.23
N GLU A 45 -8.74 -5.67 0.70
CA GLU A 45 -7.38 -5.33 1.20
C GLU A 45 -7.49 -4.54 2.51
N GLU A 46 -8.63 -3.90 2.76
CA GLU A 46 -8.99 -3.27 4.07
C GLU A 46 -9.62 -4.28 5.03
N LYS A 47 -10.49 -5.17 4.52
CA LYS A 47 -11.20 -6.18 5.34
C LYS A 47 -10.24 -7.22 5.86
N PHE A 48 -9.27 -7.66 5.06
CA PHE A 48 -8.36 -8.75 5.49
C PHE A 48 -7.79 -8.42 6.89
N PRO A 49 -7.03 -7.30 7.06
CA PRO A 49 -6.29 -7.07 8.30
C PRO A 49 -7.21 -6.98 9.52
N GLN A 50 -8.47 -6.54 9.31
CA GLN A 50 -9.50 -6.44 10.37
C GLN A 50 -9.88 -7.87 10.80
N VAL A 51 -10.29 -8.73 9.87
CA VAL A 51 -10.87 -10.08 10.18
C VAL A 51 -9.75 -11.04 10.60
N ALA A 52 -8.58 -10.99 9.94
CA ALA A 52 -7.42 -11.85 10.24
C ALA A 52 -6.93 -11.59 11.67
N ALA A 53 -6.90 -10.33 12.11
CA ALA A 53 -6.51 -9.92 13.49
C ALA A 53 -7.30 -10.67 14.57
N THR A 54 -8.54 -11.10 14.30
CA THR A 54 -9.40 -11.81 15.29
C THR A 54 -9.32 -13.32 15.06
N GLY A 55 -8.43 -13.79 14.19
CA GLY A 55 -8.32 -15.21 13.85
C GLY A 55 -9.49 -15.66 12.96
N ASP A 56 -9.96 -14.72 12.09
CA ASP A 56 -11.01 -15.00 11.08
C ASP A 56 -10.48 -14.76 9.67
N GLY A 57 -11.37 -14.79 8.67
CA GLY A 57 -11.08 -14.41 7.25
C GLY A 57 -10.81 -15.60 6.36
N PRO A 58 -10.23 -15.37 5.14
CA PRO A 58 -9.96 -16.47 4.23
C PRO A 58 -8.67 -17.23 4.61
N ASP A 59 -8.56 -18.46 4.11
CA ASP A 59 -7.32 -19.27 4.21
C ASP A 59 -6.23 -18.61 3.36
N ILE A 60 -6.60 -18.11 2.17
CA ILE A 60 -5.64 -17.53 1.18
C ILE A 60 -6.15 -16.14 0.77
N ILE A 61 -5.28 -15.14 0.80
CA ILE A 61 -5.60 -13.76 0.29
C ILE A 61 -4.69 -13.46 -0.91
N PHE A 62 -5.30 -13.05 -2.02
CA PHE A 62 -4.58 -12.51 -3.21
C PHE A 62 -4.64 -10.98 -3.19
N TRP A 63 -3.48 -10.35 -3.31
CA TRP A 63 -3.37 -8.90 -3.60
C TRP A 63 -2.02 -8.69 -4.26
N ALA A 64 -1.76 -7.49 -4.75
CA ALA A 64 -0.40 -7.07 -5.11
C ALA A 64 0.46 -7.08 -3.83
N HIS A 65 1.74 -7.29 -4.00
CA HIS A 65 2.70 -7.54 -2.90
C HIS A 65 2.81 -6.37 -1.91
N ASP A 66 2.51 -5.15 -2.36
CA ASP A 66 2.74 -3.91 -1.58
C ASP A 66 2.01 -3.99 -0.22
N ARG A 67 0.83 -4.60 -0.14
CA ARG A 67 0.06 -4.66 1.15
C ARG A 67 0.63 -5.73 2.09
N PHE A 68 1.47 -6.70 1.64
CA PHE A 68 1.77 -7.95 2.40
C PHE A 68 2.71 -7.72 3.58
N GLY A 69 3.61 -6.71 3.52
CA GLY A 69 4.54 -6.41 4.64
C GLY A 69 3.80 -5.95 5.89
N GLY A 70 2.77 -5.09 5.76
CA GLY A 70 1.89 -4.68 6.87
C GLY A 70 1.19 -5.90 7.49
N TYR A 71 0.60 -6.75 6.66
CA TYR A 71 -0.02 -8.04 7.07
C TYR A 71 0.99 -8.85 7.90
N ALA A 72 2.22 -9.02 7.38
CA ALA A 72 3.32 -9.80 8.01
C ALA A 72 3.74 -9.18 9.34
N GLN A 73 4.00 -7.87 9.37
CA GLN A 73 4.37 -7.12 10.59
C GLN A 73 3.30 -7.34 11.67
N SER A 74 2.01 -7.40 11.31
CA SER A 74 0.86 -7.55 12.23
C SER A 74 0.64 -9.04 12.59
N GLY A 75 1.48 -9.97 12.11
CA GLY A 75 1.42 -11.40 12.48
C GLY A 75 0.26 -12.14 11.80
N LEU A 76 -0.23 -11.66 10.66
CA LEU A 76 -1.43 -12.19 9.95
C LEU A 76 -1.05 -13.21 8.86
N LEU A 77 0.23 -13.38 8.54
CA LEU A 77 0.67 -14.26 7.43
C LEU A 77 1.57 -15.39 7.93
N ALA A 78 1.30 -16.60 7.41
CA ALA A 78 2.15 -17.80 7.63
C ALA A 78 3.41 -17.64 6.77
N GLU A 79 4.54 -18.01 7.34
CA GLU A 79 5.81 -18.05 6.58
C GLU A 79 5.69 -19.13 5.51
N ILE A 80 6.14 -18.81 4.31
CA ILE A 80 6.12 -19.67 3.09
C ILE A 80 7.49 -20.35 3.03
N THR A 81 7.55 -21.69 3.00
CA THR A 81 8.80 -22.51 2.97
C THR A 81 8.82 -23.45 1.75
N PRO A 82 8.87 -22.92 0.51
CA PRO A 82 8.95 -23.78 -0.67
C PRO A 82 10.35 -24.44 -0.68
N ASP A 83 10.46 -25.69 -1.14
CA ASP A 83 11.78 -26.33 -1.40
C ASP A 83 12.42 -25.60 -2.58
N LYS A 84 13.72 -25.85 -2.77
CA LYS A 84 14.52 -25.26 -3.85
C LYS A 84 13.72 -25.49 -5.19
N ALA A 85 13.37 -26.78 -5.44
CA ALA A 85 12.94 -27.25 -6.80
C ALA A 85 11.76 -26.36 -7.18
N PHE A 86 10.92 -26.05 -6.20
CA PHE A 86 9.77 -25.18 -6.48
C PHE A 86 10.19 -23.71 -6.57
N GLN A 87 11.05 -23.19 -5.69
CA GLN A 87 11.58 -21.79 -5.80
C GLN A 87 12.23 -21.57 -7.15
N ASP A 88 13.06 -22.50 -7.62
CA ASP A 88 13.76 -22.39 -8.92
C ASP A 88 12.78 -22.27 -10.10
N LYS A 89 11.48 -22.66 -9.94
CA LYS A 89 10.53 -22.60 -11.07
C LYS A 89 10.02 -21.17 -11.30
N LEU A 90 10.16 -20.24 -10.33
CA LEU A 90 9.69 -18.84 -10.46
C LEU A 90 10.89 -17.91 -10.57
N TYR A 91 10.69 -16.74 -11.20
CA TYR A 91 11.75 -15.73 -11.35
C TYR A 91 12.20 -15.21 -9.97
N PRO A 92 13.53 -15.14 -9.70
CA PRO A 92 14.04 -14.64 -8.41
C PRO A 92 13.54 -13.26 -7.97
N PHE A 93 13.31 -12.33 -8.91
CA PHE A 93 12.84 -10.95 -8.60
C PHE A 93 11.40 -11.00 -8.07
N THR A 94 10.59 -11.98 -8.51
CA THR A 94 9.18 -12.18 -8.03
C THR A 94 9.23 -12.65 -6.57
N TRP A 95 10.15 -13.55 -6.20
CA TRP A 95 10.34 -13.97 -4.78
C TRP A 95 10.81 -12.77 -3.92
N ASP A 96 11.66 -11.93 -4.48
CA ASP A 96 12.12 -10.68 -3.80
C ASP A 96 10.92 -9.81 -3.40
N ALA A 97 9.87 -9.74 -4.23
CA ALA A 97 8.69 -8.88 -3.98
C ALA A 97 7.92 -9.35 -2.74
N VAL A 98 7.99 -10.64 -2.40
CA VAL A 98 7.25 -11.26 -1.27
C VAL A 98 8.22 -11.65 -0.14
N ARG A 99 9.41 -11.04 -0.09
CA ARG A 99 10.35 -11.18 1.05
C ARG A 99 10.15 -9.99 1.98
N TYR A 100 9.92 -10.26 3.26
CA TYR A 100 9.78 -9.26 4.33
C TYR A 100 10.59 -9.71 5.55
N ASN A 101 11.55 -8.88 5.97
CA ASN A 101 12.50 -9.13 7.08
C ASN A 101 13.11 -10.53 6.92
N GLY A 102 13.62 -10.82 5.72
CA GLY A 102 14.35 -12.06 5.39
C GLY A 102 13.47 -13.30 5.32
N LYS A 103 12.14 -13.18 5.35
CA LYS A 103 11.21 -14.35 5.30
C LYS A 103 10.28 -14.19 4.10
N LEU A 104 9.95 -15.29 3.44
CA LEU A 104 8.95 -15.29 2.35
C LEU A 104 7.57 -15.35 2.99
N ILE A 105 6.69 -14.40 2.64
N ILE A 105 6.69 -14.39 2.65
CA ILE A 105 5.35 -14.24 3.30
CA ILE A 105 5.34 -14.22 3.29
C ILE A 105 4.20 -14.45 2.30
C ILE A 105 4.20 -14.46 2.30
N ALA A 106 4.51 -14.83 1.05
CA ALA A 106 3.51 -15.09 0.00
C ALA A 106 4.16 -15.87 -1.15
N TYR A 107 3.30 -16.40 -2.00
CA TYR A 107 3.66 -16.97 -3.33
C TYR A 107 3.45 -15.90 -4.39
N PRO A 108 4.48 -15.53 -5.20
CA PRO A 108 4.25 -14.62 -6.30
C PRO A 108 3.51 -15.37 -7.42
N ILE A 109 2.62 -14.66 -8.12
CA ILE A 109 1.77 -15.20 -9.21
C ILE A 109 2.17 -14.52 -10.52
N ALA A 110 2.13 -13.18 -10.55
CA ALA A 110 2.29 -12.43 -11.82
C ALA A 110 2.71 -10.98 -11.60
N VAL A 111 3.44 -10.44 -12.57
CA VAL A 111 3.90 -9.02 -12.62
C VAL A 111 2.91 -8.18 -13.42
N GLU A 112 2.40 -7.14 -12.78
CA GLU A 112 1.41 -6.18 -13.35
C GLU A 112 2.09 -4.82 -13.48
N ALA A 113 1.94 -4.20 -14.64
CA ALA A 113 2.23 -2.76 -14.88
C ALA A 113 1.10 -2.22 -15.74
N LEU A 114 0.76 -0.96 -15.52
CA LEU A 114 -0.16 -0.20 -16.41
C LEU A 114 0.53 0.04 -17.75
N SER A 115 -0.27 0.09 -18.81
CA SER A 115 0.13 0.50 -20.17
C SER A 115 -0.91 1.51 -20.69
N LEU A 116 -0.55 2.21 -21.76
CA LEU A 116 -1.50 2.99 -22.58
C LEU A 116 -2.19 2.01 -23.52
N ILE A 117 -3.52 1.97 -23.45
CA ILE A 117 -4.37 1.17 -24.37
C ILE A 117 -5.06 2.18 -25.27
N TYR A 118 -4.89 2.01 -26.58
CA TYR A 118 -5.46 2.96 -27.57
C TYR A 118 -6.29 2.20 -28.60
N ASN A 119 -7.28 2.90 -29.15
CA ASN A 119 -8.15 2.42 -30.26
C ASN A 119 -7.48 2.80 -31.57
N LYS A 120 -6.97 1.82 -32.32
CA LYS A 120 -6.28 2.03 -33.64
C LYS A 120 -7.20 2.59 -34.71
N ASP A 121 -8.53 2.38 -34.60
CA ASP A 121 -9.51 2.96 -35.55
C ASP A 121 -9.69 4.47 -35.31
N LEU A 122 -9.43 4.99 -34.11
CA LEU A 122 -9.52 6.44 -33.81
C LEU A 122 -8.13 7.09 -33.89
N LEU A 123 -7.10 6.35 -33.50
CA LEU A 123 -5.75 6.89 -33.22
C LEU A 123 -4.73 5.90 -33.77
N PRO A 124 -4.52 5.85 -35.11
CA PRO A 124 -3.60 4.89 -35.71
C PRO A 124 -2.23 4.86 -34.99
N ASN A 125 -1.71 6.06 -34.67
CA ASN A 125 -0.45 6.24 -33.91
C ASN A 125 -0.79 6.93 -32.61
N PRO A 126 -0.51 6.29 -31.45
CA PRO A 126 -0.82 6.91 -30.17
C PRO A 126 0.18 8.02 -29.85
N PRO A 127 -0.15 9.00 -28.98
CA PRO A 127 0.78 10.06 -28.63
C PRO A 127 1.98 9.54 -27.82
N LYS A 128 3.16 10.11 -28.06
CA LYS A 128 4.41 9.78 -27.31
C LYS A 128 4.50 10.63 -26.05
N THR A 129 3.80 11.76 -25.96
CA THR A 129 3.89 12.74 -24.85
C THR A 129 2.50 12.98 -24.26
N TRP A 130 2.45 13.25 -22.97
CA TRP A 130 1.24 13.79 -22.28
C TRP A 130 0.89 15.17 -22.86
N GLU A 131 1.91 16.00 -23.14
CA GLU A 131 1.75 17.43 -23.58
C GLU A 131 0.92 17.53 -24.87
N GLU A 132 0.94 16.51 -25.76
CA GLU A 132 0.15 16.58 -27.02
C GLU A 132 -1.30 16.13 -26.80
N ILE A 133 -1.71 15.67 -25.61
CA ILE A 133 -3.09 15.12 -25.44
C ILE A 133 -4.14 16.23 -25.52
N PRO A 134 -3.98 17.44 -24.91
CA PRO A 134 -4.95 18.52 -25.11
C PRO A 134 -5.30 18.81 -26.57
N ALA A 135 -4.30 18.95 -27.46
CA ALA A 135 -4.48 19.21 -28.91
C ALA A 135 -5.21 18.02 -29.54
N LEU A 136 -4.86 16.80 -29.14
CA LEU A 136 -5.46 15.56 -29.68
C LEU A 136 -6.93 15.47 -29.22
N ASP A 137 -7.22 15.82 -27.98
CA ASP A 137 -8.62 15.86 -27.46
C ASP A 137 -9.44 16.88 -28.27
N LYS A 138 -8.88 18.04 -28.61
CA LYS A 138 -9.59 19.08 -29.42
C LYS A 138 -9.96 18.52 -30.79
N GLU A 139 -9.03 17.85 -31.48
CA GLU A 139 -9.30 17.18 -32.78
C GLU A 139 -10.42 16.15 -32.61
N LEU A 140 -10.35 15.30 -31.58
CA LEU A 140 -11.29 14.18 -31.40
C LEU A 140 -12.68 14.71 -30.98
N LYS A 141 -12.75 15.73 -30.10
CA LYS A 141 -14.04 16.37 -29.71
C LYS A 141 -14.80 16.89 -30.94
N ALA A 142 -14.07 17.41 -31.93
CA ALA A 142 -14.63 17.92 -33.19
C ALA A 142 -15.28 16.79 -34.00
N LYS A 143 -14.92 15.52 -33.75
CA LYS A 143 -15.56 14.32 -34.37
C LYS A 143 -16.48 13.58 -33.38
N GLY A 144 -16.81 14.14 -32.21
CA GLY A 144 -17.65 13.48 -31.17
C GLY A 144 -16.92 12.44 -30.34
N LYS A 145 -15.62 12.58 -30.16
CA LYS A 145 -14.82 11.62 -29.37
C LYS A 145 -14.01 12.40 -28.35
N SER A 146 -13.39 11.69 -27.42
CA SER A 146 -12.44 12.25 -26.43
C SER A 146 -11.09 11.52 -26.58
N ALA A 147 -9.98 12.14 -26.17
CA ALA A 147 -8.63 11.52 -26.24
C ALA A 147 -8.49 10.40 -25.21
N LEU A 148 -8.78 10.66 -23.93
CA LEU A 148 -8.28 9.81 -22.81
C LEU A 148 -9.29 9.76 -21.67
N MET A 149 -9.56 8.56 -21.16
CA MET A 149 -10.35 8.37 -19.92
C MET A 149 -9.75 7.19 -19.16
N PHE A 150 -9.43 7.43 -17.91
CA PHE A 150 -8.96 6.42 -16.95
C PHE A 150 -9.41 6.80 -15.55
N ASN A 151 -9.32 5.81 -14.66
CA ASN A 151 -9.76 5.87 -13.24
C ASN A 151 -9.01 6.99 -12.50
N LEU A 152 -9.69 8.04 -12.08
CA LEU A 152 -9.06 9.14 -11.29
C LEU A 152 -9.39 8.95 -9.79
N GLN A 153 -10.01 7.83 -9.40
CA GLN A 153 -10.44 7.59 -8.00
C GLN A 153 -9.39 6.77 -7.26
N GLU A 154 -8.45 6.17 -7.99
CA GLU A 154 -7.38 5.32 -7.43
C GLU A 154 -6.03 5.88 -7.86
N PRO A 155 -5.16 6.25 -6.90
CA PRO A 155 -3.91 6.90 -7.22
C PRO A 155 -2.96 6.04 -8.05
N TYR A 156 -3.16 4.71 -8.03
CA TYR A 156 -2.40 3.74 -8.86
C TYR A 156 -2.28 4.25 -10.30
N PHE A 157 -3.36 4.80 -10.86
CA PHE A 157 -3.49 5.14 -12.29
C PHE A 157 -2.85 6.50 -12.56
N THR A 158 -2.82 7.40 -11.56
CA THR A 158 -2.28 8.78 -11.71
C THR A 158 -0.79 8.81 -11.33
N TRP A 159 -0.35 7.88 -10.49
CA TRP A 159 1.06 7.80 -10.00
C TRP A 159 2.08 7.86 -11.15
N PRO A 160 1.90 7.16 -12.29
CA PRO A 160 2.92 7.20 -13.35
C PRO A 160 3.29 8.64 -13.79
N LEU A 161 2.27 9.51 -13.93
CA LEU A 161 2.43 10.94 -14.27
C LEU A 161 3.04 11.74 -13.12
N ILE A 162 2.56 11.53 -11.88
CA ILE A 162 3.16 12.15 -10.66
C ILE A 162 4.64 11.79 -10.57
N ALA A 163 5.01 10.54 -10.82
CA ALA A 163 6.39 10.04 -10.63
C ALA A 163 7.32 10.51 -11.75
N ALA A 164 6.80 10.89 -12.92
CA ALA A 164 7.60 11.06 -14.18
C ALA A 164 8.69 12.10 -13.99
N ASP A 165 8.36 13.29 -13.47
CA ASP A 165 9.30 14.44 -13.39
C ASP A 165 9.97 14.48 -12.01
N GLY A 166 9.79 13.47 -11.16
CA GLY A 166 10.59 13.25 -9.94
C GLY A 166 9.77 13.10 -8.67
N GLY A 167 8.44 12.98 -8.71
CA GLY A 167 7.70 12.46 -7.54
C GLY A 167 8.17 11.05 -7.18
N TYR A 168 8.25 10.72 -5.88
CA TYR A 168 8.59 9.36 -5.37
C TYR A 168 7.86 9.13 -4.04
N ALA A 169 7.75 7.87 -3.63
CA ALA A 169 7.14 7.49 -2.33
C ALA A 169 8.24 7.49 -1.26
N PHE A 170 9.09 6.47 -1.25
CA PHE A 170 10.21 6.31 -0.29
C PHE A 170 11.49 6.25 -1.13
N LYS A 171 12.44 7.18 -0.93
CA LYS A 171 13.69 7.29 -1.74
C LYS A 171 14.44 5.96 -1.67
N TYR A 172 14.85 5.41 -2.82
CA TYR A 172 15.67 4.18 -2.95
C TYR A 172 17.06 4.55 -3.50
N GLU A 173 18.13 4.29 -2.75
CA GLU A 173 19.54 4.57 -3.15
C GLU A 173 20.51 3.65 -2.39
N ASN A 174 21.56 3.19 -3.08
CA ASN A 174 22.58 2.23 -2.56
C ASN A 174 21.86 0.96 -2.04
N GLY A 175 20.95 0.39 -2.84
CA GLY A 175 20.17 -0.82 -2.54
C GLY A 175 19.38 -0.74 -1.24
N LYS A 176 18.91 0.46 -0.85
CA LYS A 176 18.22 0.75 0.46
C LYS A 176 17.14 1.82 0.27
N TYR A 177 15.93 1.58 0.77
CA TYR A 177 14.90 2.62 0.98
C TYR A 177 15.32 3.50 2.16
N ASP A 178 15.22 4.83 2.01
CA ASP A 178 15.19 5.81 3.14
C ASP A 178 13.71 6.16 3.41
N ILE A 179 13.09 5.45 4.36
CA ILE A 179 11.67 5.63 4.80
C ILE A 179 11.48 7.06 5.35
N LYS A 180 12.55 7.75 5.75
CA LYS A 180 12.51 9.16 6.21
C LYS A 180 12.25 10.07 5.01
N ASP A 181 12.76 9.69 3.83
CA ASP A 181 12.79 10.55 2.62
C ASP A 181 11.55 10.25 1.75
N VAL A 182 10.56 11.15 1.82
CA VAL A 182 9.28 11.06 1.06
C VAL A 182 9.24 12.18 0.01
N GLY A 183 8.90 11.82 -1.24
CA GLY A 183 8.92 12.69 -2.44
C GLY A 183 7.52 12.95 -2.99
N VAL A 184 6.52 13.12 -2.12
CA VAL A 184 5.10 13.37 -2.54
C VAL A 184 4.88 14.86 -2.81
N ASP A 185 5.55 15.80 -2.13
CA ASP A 185 5.28 17.26 -2.28
C ASP A 185 6.47 18.01 -2.88
N ASN A 186 7.23 17.37 -3.78
CA ASN A 186 8.42 18.01 -4.43
C ASN A 186 7.95 18.65 -5.75
N ALA A 187 8.84 19.35 -6.46
CA ALA A 187 8.50 20.13 -7.68
C ALA A 187 8.02 19.18 -8.78
N GLY A 188 8.59 17.98 -8.87
CA GLY A 188 8.26 16.91 -9.83
C GLY A 188 6.86 16.36 -9.61
N ALA A 189 6.48 16.05 -8.37
CA ALA A 189 5.11 15.60 -8.03
C ALA A 189 4.12 16.73 -8.38
N LYS A 190 4.47 17.98 -8.05
CA LYS A 190 3.62 19.17 -8.29
C LYS A 190 3.36 19.37 -9.78
N ALA A 191 4.39 19.26 -10.62
CA ALA A 191 4.27 19.44 -12.10
C ALA A 191 3.37 18.36 -12.68
N GLY A 192 3.51 17.10 -12.27
CA GLY A 192 2.70 15.96 -12.75
C GLY A 192 1.23 16.12 -12.36
N LEU A 193 0.96 16.41 -11.09
CA LEU A 193 -0.45 16.55 -10.63
C LEU A 193 -1.07 17.84 -11.19
N THR A 194 -0.32 18.94 -11.33
CA THR A 194 -0.81 20.20 -11.98
C THR A 194 -1.22 19.90 -13.43
N PHE A 195 -0.40 19.16 -14.17
CA PHE A 195 -0.75 18.75 -15.55
C PHE A 195 -2.09 17.98 -15.53
N LEU A 196 -2.33 17.10 -14.56
CA LEU A 196 -3.60 16.34 -14.49
C LEU A 196 -4.74 17.31 -14.19
N VAL A 197 -4.58 18.20 -13.21
CA VAL A 197 -5.67 19.15 -12.82
C VAL A 197 -5.93 20.12 -13.98
N ASP A 198 -4.90 20.52 -14.73
CA ASP A 198 -5.09 21.33 -15.98
C ASP A 198 -5.91 20.58 -17.04
N LEU A 199 -5.73 19.27 -17.19
CA LEU A 199 -6.56 18.52 -18.17
C LEU A 199 -8.03 18.60 -17.74
N ILE A 200 -8.32 18.53 -16.43
CA ILE A 200 -9.71 18.55 -15.91
C ILE A 200 -10.28 19.98 -16.06
N LYS A 201 -9.53 21.01 -15.65
CA LYS A 201 -9.92 22.45 -15.83
C LYS A 201 -10.27 22.74 -17.30
N ASN A 202 -9.50 22.20 -18.23
CA ASN A 202 -9.68 22.43 -19.69
C ASN A 202 -10.70 21.45 -20.29
N LYS A 203 -11.39 20.63 -19.49
CA LYS A 203 -12.47 19.68 -19.88
C LYS A 203 -11.93 18.60 -20.85
N HIS A 204 -10.65 18.26 -20.74
CA HIS A 204 -10.06 17.08 -21.43
C HIS A 204 -10.37 15.81 -20.63
N MET A 205 -10.67 15.92 -19.33
CA MET A 205 -11.04 14.78 -18.45
C MET A 205 -12.00 15.29 -17.39
N ASN A 206 -12.70 14.37 -16.71
CA ASN A 206 -13.73 14.68 -15.68
C ASN A 206 -13.27 14.10 -14.34
N ALA A 207 -13.25 14.92 -13.27
CA ALA A 207 -12.78 14.51 -11.92
C ALA A 207 -13.50 13.23 -11.47
N ASP A 208 -14.76 13.03 -11.91
CA ASP A 208 -15.63 11.93 -11.42
C ASP A 208 -15.39 10.62 -12.17
N THR A 209 -14.61 10.62 -13.24
CA THR A 209 -14.35 9.38 -13.99
C THR A 209 -13.71 8.33 -13.08
N ASP A 210 -14.32 7.15 -13.00
CA ASP A 210 -13.82 6.00 -12.21
C ASP A 210 -13.43 4.85 -13.16
N TYR A 211 -13.21 3.66 -12.58
CA TYR A 211 -12.87 2.44 -13.35
C TYR A 211 -14.01 2.08 -14.32
N SER A 212 -15.27 2.00 -13.86
CA SER A 212 -16.42 1.55 -14.70
C SER A 212 -16.67 2.50 -15.84
N ILE A 213 -16.69 3.82 -15.57
CA ILE A 213 -16.94 4.87 -16.60
C ILE A 213 -15.86 4.81 -17.68
N ALA A 214 -14.58 4.78 -17.31
CA ALA A 214 -13.44 4.77 -18.27
C ALA A 214 -13.53 3.50 -19.11
N GLU A 215 -13.81 2.34 -18.47
CA GLU A 215 -13.84 1.00 -19.13
C GLU A 215 -14.99 1.00 -20.15
N ALA A 216 -16.17 1.47 -19.76
CA ALA A 216 -17.35 1.50 -20.65
C ALA A 216 -17.08 2.46 -21.83
N ALA A 217 -16.54 3.66 -21.58
CA ALA A 217 -16.29 4.66 -22.64
C ALA A 217 -15.28 4.09 -23.66
N PHE A 218 -14.18 3.48 -23.22
CA PHE A 218 -13.18 2.89 -24.15
C PHE A 218 -13.78 1.72 -24.94
N ASN A 219 -14.45 0.81 -24.25
CA ASN A 219 -14.99 -0.45 -24.82
C ASN A 219 -16.16 -0.16 -25.76
N LYS A 220 -16.80 1.00 -25.64
CA LYS A 220 -17.87 1.45 -26.56
C LYS A 220 -17.29 2.33 -27.68
N GLY A 221 -15.99 2.64 -27.69
CA GLY A 221 -15.36 3.46 -28.74
C GLY A 221 -15.64 4.95 -28.61
N GLU A 222 -16.04 5.45 -27.43
CA GLU A 222 -16.29 6.89 -27.18
C GLU A 222 -14.99 7.65 -26.88
N THR A 223 -13.96 6.96 -26.39
CA THR A 223 -12.65 7.58 -26.03
C THR A 223 -11.54 6.78 -26.69
N ALA A 224 -10.55 7.47 -27.25
CA ALA A 224 -9.47 6.89 -28.08
C ALA A 224 -8.45 6.15 -27.21
N MET A 225 -8.38 6.44 -25.91
CA MET A 225 -7.27 5.93 -25.05
C MET A 225 -7.78 5.68 -23.63
N THR A 226 -7.19 4.68 -22.97
CA THR A 226 -7.33 4.44 -21.51
C THR A 226 -5.96 4.03 -20.96
N ILE A 227 -5.89 3.97 -19.64
CA ILE A 227 -4.71 3.49 -18.87
C ILE A 227 -5.17 2.35 -17.96
N ASN A 228 -4.67 1.15 -18.21
CA ASN A 228 -5.10 -0.02 -17.42
C ASN A 228 -4.08 -1.16 -17.52
N GLY A 229 -4.31 -2.19 -16.72
CA GLY A 229 -3.46 -3.37 -16.60
C GLY A 229 -3.97 -4.55 -17.42
N PRO A 230 -3.19 -5.65 -17.43
CA PRO A 230 -3.54 -6.84 -18.21
C PRO A 230 -4.95 -7.43 -18.01
N TRP A 231 -5.47 -7.38 -16.78
CA TRP A 231 -6.80 -7.90 -16.38
C TRP A 231 -7.91 -7.29 -17.28
N ALA A 232 -7.69 -6.06 -17.76
CA ALA A 232 -8.65 -5.27 -18.54
C ALA A 232 -8.80 -5.79 -19.97
N TRP A 233 -7.85 -6.58 -20.48
CA TRP A 233 -7.80 -6.93 -21.92
C TRP A 233 -8.98 -7.80 -22.35
N SER A 234 -9.48 -8.71 -21.49
CA SER A 234 -10.61 -9.64 -21.76
C SER A 234 -11.83 -8.87 -22.24
N ASN A 235 -12.24 -7.86 -21.48
CA ASN A 235 -13.48 -7.08 -21.78
C ASN A 235 -13.27 -6.31 -23.09
N ILE A 236 -12.07 -5.85 -23.39
CA ILE A 236 -11.74 -5.13 -24.67
C ILE A 236 -11.85 -6.13 -25.81
N ASP A 237 -11.30 -7.33 -25.66
CA ASP A 237 -11.46 -8.44 -26.64
C ASP A 237 -12.95 -8.65 -26.95
N THR A 238 -13.79 -8.73 -25.92
CA THR A 238 -15.26 -8.93 -26.03
C THR A 238 -15.94 -7.75 -26.76
N SER A 239 -15.46 -6.52 -26.57
CA SER A 239 -16.00 -5.28 -27.22
C SER A 239 -15.68 -5.23 -28.72
N LYS A 240 -14.65 -5.98 -29.16
CA LYS A 240 -14.18 -6.08 -30.58
C LYS A 240 -13.55 -4.75 -31.04
N VAL A 241 -13.22 -3.85 -30.11
CA VAL A 241 -12.41 -2.62 -30.42
C VAL A 241 -11.05 -3.08 -30.95
N ASN A 242 -10.56 -2.42 -31.99
CA ASN A 242 -9.22 -2.66 -32.60
C ASN A 242 -8.17 -1.94 -31.73
N TYR A 243 -7.70 -2.59 -30.65
CA TYR A 243 -6.86 -1.92 -29.61
C TYR A 243 -5.39 -2.32 -29.79
N GLY A 244 -4.51 -1.41 -29.39
CA GLY A 244 -3.08 -1.65 -29.15
C GLY A 244 -2.74 -1.39 -27.69
N VAL A 245 -1.66 -2.01 -27.20
CA VAL A 245 -1.13 -1.83 -25.82
C VAL A 245 0.29 -1.33 -25.98
N THR A 246 0.63 -0.18 -25.43
CA THR A 246 1.93 0.45 -25.76
C THR A 246 2.48 1.19 -24.55
N VAL A 247 3.66 1.78 -24.73
N VAL A 247 3.66 1.79 -24.73
CA VAL A 247 4.39 2.57 -23.70
CA VAL A 247 4.37 2.63 -23.73
C VAL A 247 3.57 3.81 -23.32
C VAL A 247 3.46 3.78 -23.31
N LEU A 248 3.51 4.14 -22.03
CA LEU A 248 2.78 5.32 -21.52
C LEU A 248 3.42 6.59 -22.09
N PRO A 249 2.67 7.71 -22.23
CA PRO A 249 3.26 8.92 -22.78
C PRO A 249 4.35 9.47 -21.84
N THR A 250 5.36 10.11 -22.41
CA THR A 250 6.36 10.84 -21.59
C THR A 250 5.73 12.11 -21.01
N PHE A 251 6.32 12.62 -19.93
CA PHE A 251 6.05 13.95 -19.36
C PHE A 251 7.37 14.68 -19.20
N LYS A 252 7.44 15.92 -19.70
CA LYS A 252 8.65 16.78 -19.69
C LYS A 252 9.83 15.97 -20.24
N GLY A 253 9.58 15.11 -21.23
CA GLY A 253 10.60 14.29 -21.91
C GLY A 253 11.05 13.07 -21.10
N GLN A 254 10.40 12.77 -19.97
CA GLN A 254 10.79 11.67 -19.06
C GLN A 254 9.73 10.57 -19.13
N PRO A 255 10.09 9.28 -18.96
CA PRO A 255 9.09 8.22 -18.91
C PRO A 255 8.05 8.40 -17.78
N SER A 256 6.78 8.12 -18.05
CA SER A 256 5.79 7.78 -16.99
C SER A 256 6.31 6.54 -16.26
N LYS A 257 6.25 6.54 -14.93
CA LYS A 257 6.90 5.49 -14.09
C LYS A 257 5.81 4.79 -13.30
N PRO A 258 5.15 3.75 -13.86
CA PRO A 258 4.13 3.02 -13.10
C PRO A 258 4.74 2.31 -11.87
N PHE A 259 3.97 2.29 -10.79
CA PHE A 259 4.29 1.46 -9.61
C PHE A 259 3.94 0.02 -9.97
N VAL A 260 4.95 -0.86 -10.02
CA VAL A 260 4.82 -2.27 -10.47
C VAL A 260 4.41 -3.17 -9.30
N GLY A 261 3.36 -3.97 -9.53
CA GLY A 261 2.79 -4.91 -8.55
C GLY A 261 3.07 -6.34 -8.98
N VAL A 262 3.33 -7.20 -8.01
CA VAL A 262 3.36 -8.68 -8.15
C VAL A 262 2.11 -9.20 -7.45
N LEU A 263 1.11 -9.61 -8.22
CA LEU A 263 -0.06 -10.34 -7.67
C LEU A 263 0.47 -11.54 -6.88
N SER A 264 0.11 -11.64 -5.60
CA SER A 264 0.71 -12.59 -4.65
C SER A 264 -0.38 -13.23 -3.80
N ALA A 265 -0.16 -14.49 -3.43
CA ALA A 265 -1.07 -15.30 -2.61
C ALA A 265 -0.46 -15.57 -1.24
N GLY A 266 -1.06 -15.02 -0.18
CA GLY A 266 -0.63 -15.21 1.21
C GLY A 266 -1.54 -16.16 1.96
N ILE A 267 -0.97 -16.88 2.93
CA ILE A 267 -1.71 -17.86 3.76
C ILE A 267 -1.99 -17.23 5.14
N ASN A 268 -3.25 -17.17 5.53
CA ASN A 268 -3.69 -16.62 6.85
C ASN A 268 -3.12 -17.41 8.07
N ALA A 269 -2.40 -16.68 8.93
CA ALA A 269 -1.67 -17.20 10.12
C ALA A 269 -2.65 -18.02 10.98
N ALA A 270 -3.94 -17.70 10.96
CA ALA A 270 -4.98 -18.39 11.75
C ALA A 270 -5.60 -19.58 10.99
N SER A 271 -5.18 -19.87 9.76
CA SER A 271 -5.74 -20.99 8.96
C SER A 271 -5.33 -22.30 9.63
N PRO A 272 -6.27 -23.24 9.90
CA PRO A 272 -5.90 -24.62 10.22
C PRO A 272 -5.67 -25.47 8.95
N ASN A 273 -5.64 -24.85 7.75
CA ASN A 273 -5.60 -25.55 6.44
C ASN A 273 -4.30 -25.18 5.70
N LYS A 274 -3.21 -24.91 6.41
CA LYS A 274 -1.97 -24.38 5.78
C LYS A 274 -1.37 -25.40 4.81
N GLU A 275 -1.45 -26.69 5.10
CA GLU A 275 -0.83 -27.75 4.23
C GLU A 275 -1.65 -27.88 2.95
N LEU A 276 -2.98 -27.84 3.07
CA LEU A 276 -3.93 -27.79 1.92
C LEU A 276 -3.67 -26.52 1.09
N ALA A 277 -3.50 -25.34 1.71
CA ALA A 277 -3.26 -24.09 0.95
C ALA A 277 -1.92 -24.18 0.18
N LYS A 278 -0.86 -24.68 0.83
CA LYS A 278 0.48 -24.87 0.18
C LYS A 278 0.34 -25.82 -1.03
N GLU A 279 -0.35 -26.95 -0.83
CA GLU A 279 -0.60 -27.99 -1.86
C GLU A 279 -1.33 -27.33 -3.02
N PHE A 280 -2.37 -26.56 -2.74
CA PHE A 280 -3.19 -25.89 -3.77
C PHE A 280 -2.34 -24.89 -4.55
N LEU A 281 -1.63 -24.03 -3.85
CA LEU A 281 -0.89 -22.94 -4.53
C LEU A 281 0.30 -23.51 -5.32
N GLU A 282 1.05 -24.47 -4.77
CA GLU A 282 2.30 -24.94 -5.44
C GLU A 282 1.98 -25.92 -6.58
N ASN A 283 1.04 -26.85 -6.36
CA ASN A 283 0.83 -28.04 -7.23
C ASN A 283 -0.43 -27.93 -8.09
N TYR A 284 -1.24 -26.89 -7.92
CA TYR A 284 -2.45 -26.69 -8.74
C TYR A 284 -2.36 -25.31 -9.43
N LEU A 285 -2.35 -24.20 -8.70
CA LEU A 285 -2.34 -22.85 -9.33
C LEU A 285 -1.04 -22.61 -10.11
N LEU A 286 0.12 -22.78 -9.46
CA LEU A 286 1.43 -22.34 -10.01
C LEU A 286 2.00 -23.45 -10.89
N THR A 287 1.21 -23.80 -11.89
CA THR A 287 1.48 -24.78 -12.97
C THR A 287 1.08 -24.07 -14.27
N ASP A 288 1.57 -24.56 -15.41
CA ASP A 288 1.17 -24.08 -16.76
C ASP A 288 -0.36 -24.13 -16.87
N GLU A 289 -0.98 -25.23 -16.42
CA GLU A 289 -2.46 -25.47 -16.55
C GLU A 289 -3.24 -24.53 -15.61
N GLY A 290 -2.76 -24.33 -14.38
CA GLY A 290 -3.48 -23.53 -13.38
C GLY A 290 -3.45 -22.05 -13.73
N LEU A 291 -2.28 -21.56 -14.13
CA LEU A 291 -2.12 -20.14 -14.54
C LEU A 291 -2.90 -19.90 -15.84
N GLU A 292 -2.90 -20.85 -16.78
CA GLU A 292 -3.69 -20.74 -18.03
C GLU A 292 -5.18 -20.58 -17.72
N ALA A 293 -5.73 -21.40 -16.81
CA ALA A 293 -7.16 -21.32 -16.40
C ALA A 293 -7.49 -19.90 -15.90
N VAL A 294 -6.63 -19.27 -15.10
CA VAL A 294 -6.82 -17.88 -14.57
C VAL A 294 -6.60 -16.87 -15.70
N ASN A 295 -5.48 -16.98 -16.41
CA ASN A 295 -5.12 -16.07 -17.53
C ASN A 295 -6.27 -15.99 -18.57
N LYS A 296 -6.85 -17.11 -18.96
CA LYS A 296 -7.92 -17.17 -19.99
C LYS A 296 -9.18 -16.43 -19.53
N ASP A 297 -9.40 -16.35 -18.22
CA ASP A 297 -10.52 -15.59 -17.64
C ASP A 297 -10.18 -14.09 -17.69
N LYS A 298 -9.14 -13.64 -16.97
CA LYS A 298 -8.61 -12.25 -17.06
C LYS A 298 -7.09 -12.34 -17.09
N PRO A 299 -6.39 -11.81 -18.12
CA PRO A 299 -4.94 -11.97 -18.19
C PRO A 299 -4.22 -11.47 -16.94
N LEU A 300 -3.20 -12.25 -16.53
CA LEU A 300 -2.41 -12.04 -15.30
C LEU A 300 -1.27 -11.01 -15.54
N GLY A 301 -0.83 -10.82 -16.78
CA GLY A 301 0.42 -10.10 -17.09
C GLY A 301 1.57 -11.08 -17.27
N ALA A 302 2.75 -10.75 -16.77
CA ALA A 302 3.99 -11.55 -16.98
C ALA A 302 4.12 -12.51 -15.79
N VAL A 303 3.70 -13.74 -15.98
CA VAL A 303 3.60 -14.72 -14.85
C VAL A 303 4.98 -14.99 -14.22
N ALA A 304 4.95 -15.30 -12.93
CA ALA A 304 6.16 -15.60 -12.13
C ALA A 304 6.75 -16.95 -12.54
N LEU A 305 5.91 -17.85 -13.09
CA LEU A 305 6.31 -19.24 -13.43
C LEU A 305 7.01 -19.18 -14.79
N LYS A 306 8.31 -19.47 -14.79
CA LYS A 306 9.23 -19.36 -15.95
C LYS A 306 8.71 -20.15 -17.17
N SER A 307 8.28 -21.42 -16.96
CA SER A 307 7.79 -22.28 -18.06
C SER A 307 6.60 -21.60 -18.77
N TYR A 308 5.62 -21.09 -18.04
CA TYR A 308 4.44 -20.47 -18.68
C TYR A 308 4.83 -19.08 -19.25
N GLU A 309 5.62 -18.29 -18.53
CA GLU A 309 5.96 -16.93 -19.00
C GLU A 309 6.68 -17.02 -20.35
N GLU A 310 7.42 -18.10 -20.60
CA GLU A 310 8.10 -18.28 -21.90
C GLU A 310 7.05 -18.38 -23.03
N GLU A 311 5.98 -19.16 -22.84
CA GLU A 311 4.85 -19.28 -23.82
C GLU A 311 4.22 -17.90 -24.07
N LEU A 312 3.87 -17.15 -23.00
CA LEU A 312 3.13 -15.86 -23.10
C LEU A 312 4.03 -14.70 -23.56
N ALA A 313 5.37 -14.84 -23.50
CA ALA A 313 6.32 -13.72 -23.68
C ALA A 313 6.16 -13.12 -25.09
N LYS A 314 5.81 -13.97 -26.09
CA LYS A 314 5.65 -13.62 -27.52
C LYS A 314 4.52 -12.59 -27.70
N ASP A 315 3.59 -12.51 -26.77
CA ASP A 315 2.43 -11.59 -26.87
C ASP A 315 2.91 -10.14 -26.83
N PRO A 316 2.69 -9.32 -27.89
CA PRO A 316 3.09 -7.90 -27.87
C PRO A 316 2.53 -7.08 -26.69
N ARG A 317 1.34 -7.44 -26.24
CA ARG A 317 0.70 -6.77 -25.08
C ARG A 317 1.56 -6.99 -23.83
N ILE A 318 2.13 -8.20 -23.68
N ILE A 318 2.16 -8.18 -23.68
CA ILE A 318 3.00 -8.56 -22.52
CA ILE A 318 2.99 -8.53 -22.49
C ILE A 318 4.32 -7.78 -22.63
C ILE A 318 4.36 -7.84 -22.61
N ALA A 319 4.94 -7.79 -23.83
CA ALA A 319 6.20 -7.05 -24.12
C ALA A 319 6.02 -5.58 -23.74
N ALA A 320 4.86 -4.98 -24.08
CA ALA A 320 4.49 -3.60 -23.72
C ALA A 320 4.34 -3.46 -22.20
N THR A 321 3.72 -4.44 -21.52
CA THR A 321 3.56 -4.46 -20.03
C THR A 321 4.97 -4.40 -19.41
N MET A 322 5.91 -5.19 -19.91
CA MET A 322 7.25 -5.26 -19.27
C MET A 322 8.05 -3.99 -19.61
N GLU A 323 7.86 -3.39 -20.80
CA GLU A 323 8.48 -2.10 -21.17
C GLU A 323 8.06 -1.03 -20.12
N ASN A 324 6.78 -0.93 -19.84
CA ASN A 324 6.26 0.06 -18.84
C ASN A 324 6.62 -0.27 -17.35
N ALA A 325 6.66 -1.56 -17.03
CA ALA A 325 7.33 -2.11 -15.78
C ALA A 325 8.82 -1.66 -15.66
N GLN A 326 9.67 -1.84 -16.68
CA GLN A 326 11.14 -1.51 -16.56
C GLN A 326 11.36 0.01 -16.48
N LYS A 327 10.42 0.83 -16.97
CA LYS A 327 10.49 2.31 -16.83
C LYS A 327 9.94 2.70 -15.45
N GLY A 328 9.15 1.82 -14.84
CA GLY A 328 8.54 2.05 -13.52
C GLY A 328 9.42 1.52 -12.41
N GLU A 329 8.85 1.34 -11.22
CA GLU A 329 9.58 0.83 -10.03
C GLU A 329 8.70 -0.24 -9.39
N ILE A 330 9.31 -1.32 -8.92
CA ILE A 330 8.66 -2.33 -8.02
C ILE A 330 8.23 -1.61 -6.75
N MET A 331 6.95 -1.75 -6.39
CA MET A 331 6.42 -1.14 -5.15
C MET A 331 7.17 -1.65 -3.94
N PRO A 332 7.41 -0.80 -2.91
CA PRO A 332 7.85 -1.30 -1.62
C PRO A 332 6.74 -2.17 -1.01
N ASN A 333 7.07 -2.98 -0.01
CA ASN A 333 6.12 -3.78 0.80
C ASN A 333 6.17 -3.34 2.29
N ILE A 334 6.86 -2.25 2.63
CA ILE A 334 6.98 -1.70 4.01
C ILE A 334 5.57 -1.44 4.55
N PRO A 335 5.36 -1.62 5.88
CA PRO A 335 4.04 -1.45 6.48
C PRO A 335 3.33 -0.11 6.17
N GLN A 336 4.11 0.95 5.91
CA GLN A 336 3.67 2.34 5.69
C GLN A 336 3.02 2.54 4.30
N MET A 337 3.14 1.59 3.36
CA MET A 337 2.54 1.68 1.99
C MET A 337 1.04 1.99 2.06
N SER A 338 0.32 1.32 2.96
CA SER A 338 -1.12 1.53 3.21
C SER A 338 -1.39 3.02 3.44
N ALA A 339 -0.59 3.68 4.29
CA ALA A 339 -0.74 5.11 4.68
C ALA A 339 -0.36 6.02 3.51
N PHE A 340 0.73 5.69 2.81
CA PHE A 340 1.13 6.36 1.54
C PHE A 340 -0.06 6.41 0.59
N TRP A 341 -0.64 5.25 0.31
CA TRP A 341 -1.71 5.13 -0.71
C TRP A 341 -2.96 5.93 -0.27
N TYR A 342 -3.33 5.86 1.01
CA TYR A 342 -4.47 6.64 1.52
C TYR A 342 -4.20 8.15 1.28
N ALA A 343 -3.00 8.61 1.63
CA ALA A 343 -2.60 10.03 1.58
C ALA A 343 -2.65 10.51 0.13
N VAL A 344 -2.06 9.76 -0.79
CA VAL A 344 -2.02 10.18 -2.24
C VAL A 344 -3.41 10.06 -2.88
N ARG A 345 -4.20 9.05 -2.53
CA ARG A 345 -5.60 8.89 -3.02
C ARG A 345 -6.38 10.17 -2.70
N THR A 346 -6.32 10.65 -1.44
CA THR A 346 -7.09 11.83 -0.99
C THR A 346 -6.58 13.10 -1.70
N ALA A 347 -5.26 13.23 -1.91
CA ALA A 347 -4.64 14.40 -2.57
C ALA A 347 -5.11 14.47 -4.02
N VAL A 348 -5.15 13.35 -4.74
CA VAL A 348 -5.50 13.35 -6.18
C VAL A 348 -6.99 13.70 -6.30
N ILE A 349 -7.85 13.04 -5.53
CA ILE A 349 -9.32 13.31 -5.55
C ILE A 349 -9.58 14.79 -5.19
N ASN A 350 -8.93 15.32 -4.15
CA ASN A 350 -9.16 16.71 -3.67
C ASN A 350 -8.61 17.74 -4.68
N ALA A 351 -7.45 17.51 -5.30
CA ALA A 351 -6.90 18.43 -6.33
C ALA A 351 -7.80 18.40 -7.58
N ALA A 352 -8.25 17.23 -7.99
CA ALA A 352 -9.06 17.03 -9.21
C ALA A 352 -10.43 17.70 -9.05
N SER A 353 -10.99 17.72 -7.83
CA SER A 353 -12.35 18.24 -7.53
C SER A 353 -12.31 19.75 -7.28
N GLY A 354 -11.13 20.35 -7.05
CA GLY A 354 -10.97 21.75 -6.62
C GLY A 354 -11.15 21.96 -5.12
N ARG A 355 -11.36 20.90 -4.34
CA ARG A 355 -11.52 20.95 -2.85
C ARG A 355 -10.24 21.54 -2.23
N GLN A 356 -9.07 21.19 -2.77
CA GLN A 356 -7.74 21.72 -2.38
C GLN A 356 -6.98 22.16 -3.64
N THR A 357 -6.04 23.07 -3.48
CA THR A 357 -5.01 23.32 -4.54
C THR A 357 -4.06 22.13 -4.61
N VAL A 358 -3.27 22.03 -5.67
CA VAL A 358 -2.19 21.01 -5.80
C VAL A 358 -1.20 21.15 -4.63
N ASP A 359 -0.81 22.38 -4.26
CA ASP A 359 0.14 22.64 -3.14
C ASP A 359 -0.51 22.17 -1.83
N GLU A 360 -1.76 22.58 -1.54
CA GLU A 360 -2.48 22.15 -0.30
C GLU A 360 -2.61 20.62 -0.29
N ALA A 361 -2.91 19.99 -1.42
CA ALA A 361 -3.22 18.56 -1.51
C ALA A 361 -1.97 17.71 -1.21
N LEU A 362 -0.87 18.01 -1.89
CA LEU A 362 0.41 17.27 -1.75
C LEU A 362 1.08 17.58 -0.40
N LYS A 363 0.98 18.81 0.11
CA LYS A 363 1.38 19.16 1.49
C LYS A 363 0.78 18.12 2.45
N ASP A 364 -0.55 17.93 2.46
CA ASP A 364 -1.24 17.01 3.40
C ASP A 364 -0.81 15.57 3.13
N ALA A 365 -0.61 15.19 1.86
CA ALA A 365 -0.18 13.83 1.51
C ALA A 365 1.24 13.59 2.06
N GLN A 366 2.10 14.60 2.01
CA GLN A 366 3.50 14.46 2.51
C GLN A 366 3.44 14.21 4.03
N THR A 367 2.73 15.09 4.75
CA THR A 367 2.46 14.95 6.22
C THR A 367 1.93 13.55 6.51
N GLY A 368 0.92 13.06 5.80
CA GLY A 368 0.33 11.72 6.05
C GLY A 368 1.34 10.59 5.82
N SER A 369 2.11 10.65 4.74
CA SER A 369 3.14 9.65 4.38
C SER A 369 4.30 9.66 5.40
N GLU A 370 4.67 10.81 5.97
CA GLU A 370 5.80 10.93 6.96
C GLU A 370 5.33 10.58 8.38
N LEU A 371 4.02 10.59 8.65
CA LEU A 371 3.45 10.62 10.02
C LEU A 371 3.95 9.47 10.89
N TYR A 372 3.92 8.21 10.42
CA TYR A 372 4.37 7.06 11.27
C TYR A 372 5.85 7.23 11.67
N ARG A 373 6.74 7.45 10.70
CA ARG A 373 8.20 7.52 10.97
C ARG A 373 8.50 8.70 11.91
N GLN A 374 7.92 9.88 11.67
CA GLN A 374 8.21 11.07 12.50
C GLN A 374 7.68 10.83 13.91
N SER A 375 6.45 10.32 14.05
CA SER A 375 5.85 9.98 15.37
C SER A 375 6.75 8.97 16.12
N LEU A 376 7.21 7.90 15.46
CA LEU A 376 8.10 6.89 16.10
C LEU A 376 9.39 7.57 16.58
N GLU A 377 9.99 8.42 15.74
CA GLU A 377 11.26 9.13 16.08
C GLU A 377 11.08 9.88 17.41
N ILE A 378 9.98 10.63 17.55
CA ILE A 378 9.72 11.48 18.73
C ILE A 378 9.48 10.55 19.93
N ILE A 379 8.55 9.63 19.78
CA ILE A 379 8.07 8.74 20.88
C ILE A 379 9.21 7.82 21.33
N SER A 380 9.95 7.21 20.42
CA SER A 380 11.06 6.29 20.76
C SER A 380 12.11 7.07 21.55
N ARG A 381 12.45 8.28 21.09
CA ARG A 381 13.53 9.10 21.72
C ARG A 381 13.06 9.51 23.13
N TYR A 382 11.79 9.89 23.31
CA TYR A 382 11.29 10.30 24.64
C TYR A 382 11.33 9.11 25.61
N LEU A 383 10.74 7.95 25.25
CA LEU A 383 10.76 6.73 26.11
C LEU A 383 12.20 6.37 26.52
N ARG A 384 13.13 6.31 25.57
CA ARG A 384 14.52 5.86 25.82
C ARG A 384 15.30 6.85 26.70
N GLU A 385 15.15 8.17 26.53
CA GLU A 385 15.92 9.15 27.34
C GLU A 385 15.35 9.21 28.77
N GLN A 386 14.03 9.08 28.93
CA GLN A 386 13.36 9.03 30.25
C GLN A 386 13.83 7.78 31.01
N ALA A 387 13.93 6.63 30.34
CA ALA A 387 14.37 5.33 30.89
C ALA A 387 15.83 5.41 31.35
N THR A 388 16.74 5.95 30.54
CA THR A 388 18.21 5.84 30.74
C THR A 388 18.81 7.09 31.41
N GLY A 389 18.16 8.26 31.30
CA GLY A 389 18.66 9.55 31.84
C GLY A 389 19.47 10.34 30.82
N ALA A 390 19.79 9.76 29.67
CA ALA A 390 20.67 10.34 28.64
C ALA A 390 19.91 10.35 27.31
N ALA A 391 20.06 11.43 26.53
CA ALA A 391 19.39 11.65 25.24
C ALA A 391 20.15 10.90 24.14
N ASP A 392 19.48 10.78 23.00
CA ASP A 392 20.02 10.16 21.76
C ASP A 392 20.81 11.23 21.03
N THR A 393 22.06 10.93 20.69
N THR A 393 22.08 10.94 20.76
CA THR A 393 23.01 11.83 20.01
CA THR A 393 23.01 11.79 19.98
C THR A 393 22.78 11.82 18.48
C THR A 393 22.57 11.90 18.52
N ALA A 394 22.13 10.77 17.94
CA ALA A 394 21.87 10.62 16.49
C ALA A 394 21.12 11.82 15.93
N PRO A 395 21.52 12.34 14.74
CA PRO A 395 20.73 13.35 14.03
C PRO A 395 19.27 12.95 13.86
N MET A 396 18.34 13.92 13.93
CA MET A 396 16.88 13.67 13.71
C MET A 396 16.60 13.32 12.24
N GLY A 397 17.41 13.82 11.30
CA GLY A 397 17.22 13.61 9.85
C GLY A 397 16.08 14.47 9.32
N ALA A 398 15.40 14.00 8.26
CA ALA A 398 14.31 14.68 7.52
C ALA A 398 13.30 15.29 8.49
N SER A 399 12.84 16.52 8.20
N SER A 399 12.85 16.51 8.18
CA SER A 399 11.91 17.30 9.06
CA SER A 399 11.95 17.35 9.02
C SER A 399 12.46 17.36 10.49
C SER A 399 12.46 17.33 10.47
N GLY A 400 13.77 17.58 10.65
CA GLY A 400 14.49 17.40 11.92
C GLY A 400 14.12 18.48 12.91
N ALA A 401 13.91 19.70 12.43
CA ALA A 401 13.53 20.88 13.25
C ALA A 401 12.21 20.58 13.95
N THR A 402 11.24 19.96 13.25
CA THR A 402 9.91 19.59 13.81
C THR A 402 10.07 18.49 14.87
N SER A 403 10.82 17.43 14.56
CA SER A 403 11.08 16.30 15.50
C SER A 403 11.74 16.84 16.77
N ARG A 404 12.78 17.68 16.62
CA ARG A 404 13.52 18.36 17.71
C ARG A 404 12.56 19.20 18.57
N LYS A 405 11.72 20.03 17.96
CA LYS A 405 10.84 20.98 18.70
C LYS A 405 9.70 20.20 19.36
N ALA A 406 9.22 19.14 18.72
CA ALA A 406 8.19 18.24 19.27
C ALA A 406 8.74 17.51 20.51
N LEU A 407 9.98 16.98 20.41
CA LEU A 407 10.64 16.28 21.56
C LEU A 407 10.80 17.28 22.72
N GLU A 408 11.24 18.51 22.42
CA GLU A 408 11.43 19.59 23.41
C GLU A 408 10.10 19.93 24.10
N THR A 409 9.04 20.12 23.33
CA THR A 409 7.67 20.38 23.84
C THR A 409 7.23 19.22 24.72
N LEU A 410 7.41 17.98 24.25
CA LEU A 410 6.97 16.75 24.95
C LEU A 410 7.71 16.66 26.30
N ARG A 411 9.03 16.91 26.33
CA ARG A 411 9.81 16.94 27.60
C ARG A 411 9.15 17.91 28.59
N ARG A 412 8.79 19.12 28.16
CA ARG A 412 8.15 20.14 29.03
C ARG A 412 6.76 19.64 29.50
N VAL A 413 5.84 19.33 28.58
CA VAL A 413 4.42 19.10 28.95
C VAL A 413 4.28 17.69 29.53
N GLY A 414 5.01 16.70 28.97
CA GLY A 414 5.03 15.28 29.39
C GLY A 414 5.54 15.10 30.81
N ASP A 415 6.66 15.75 31.15
CA ASP A 415 7.24 15.71 32.51
C ASP A 415 6.24 16.32 33.51
N GLY A 416 5.63 17.45 33.17
CA GLY A 416 4.55 18.10 33.95
C GLY A 416 3.41 17.14 34.27
N VAL A 417 2.99 16.36 33.28
CA VAL A 417 1.87 15.37 33.41
C VAL A 417 2.33 14.22 34.31
N GLN A 418 3.51 13.63 34.06
CA GLN A 418 4.07 12.52 34.89
C GLN A 418 4.16 12.92 36.38
N ARG A 419 4.53 14.17 36.68
N ARG A 419 4.54 14.17 36.67
CA ARG A 419 4.71 14.69 38.06
CA ARG A 419 4.71 14.70 38.05
C ARG A 419 3.34 14.89 38.72
C ARG A 419 3.34 14.88 38.71
N ASN A 420 2.50 15.74 38.15
CA ASN A 420 1.14 16.06 38.68
C ASN A 420 0.31 14.78 38.85
N HIS A 421 0.44 13.80 37.94
CA HIS A 421 -0.34 12.53 37.90
C HIS A 421 0.52 11.32 38.32
N GLU A 422 1.51 11.51 39.18
CA GLU A 422 2.43 10.42 39.61
C GLU A 422 1.63 9.32 40.33
N THR A 423 0.72 9.69 41.25
CA THR A 423 -0.13 8.73 42.00
C THR A 423 -0.97 7.93 41.02
N ALA A 424 -1.69 8.62 40.13
CA ALA A 424 -2.61 8.00 39.14
C ALA A 424 -1.81 7.05 38.21
N PHE A 425 -0.59 7.45 37.83
CA PHE A 425 0.33 6.70 36.94
C PHE A 425 0.84 5.44 37.65
N GLN A 426 1.19 5.58 38.93
CA GLN A 426 1.65 4.44 39.77
C GLN A 426 0.51 3.42 39.91
N GLY A 427 -0.72 3.90 40.18
CA GLY A 427 -1.91 3.05 40.37
C GLY A 427 -2.21 2.21 39.13
N MET A 428 -2.13 2.82 37.95
CA MET A 428 -2.40 2.13 36.67
C MET A 428 -1.24 1.17 36.36
N LEU A 429 0.00 1.52 36.74
CA LEU A 429 1.19 0.66 36.49
C LEU A 429 1.02 -0.66 37.25
N ARG A 430 0.83 -0.60 38.57
CA ARG A 430 0.67 -1.81 39.44
C ARG A 430 -0.48 -2.67 38.88
N LYS A 431 -1.62 -2.04 38.57
CA LYS A 431 -2.86 -2.68 38.04
C LYS A 431 -2.59 -3.45 36.72
N LEU A 432 -1.66 -2.98 35.89
CA LEU A 432 -1.31 -3.65 34.60
C LEU A 432 -0.29 -4.76 34.83
N ASP A 433 0.64 -4.61 35.81
CA ASP A 433 1.58 -5.66 36.27
C ASP A 433 2.44 -6.12 35.08
N ILE A 434 3.28 -5.23 34.55
CA ILE A 434 4.04 -5.42 33.27
C ILE A 434 5.42 -6.01 33.62
N LYS A 435 5.69 -7.25 33.18
CA LYS A 435 6.84 -8.07 33.64
C LYS A 435 7.80 -8.45 32.49
N ASN A 436 7.37 -8.39 31.22
CA ASN A 436 8.15 -8.98 30.08
C ASN A 436 7.61 -8.54 28.71
N GLU A 437 8.30 -8.96 27.65
CA GLU A 437 7.96 -8.74 26.21
C GLU A 437 6.51 -9.18 25.92
N ASP A 438 6.02 -10.26 26.54
CA ASP A 438 4.65 -10.80 26.31
C ASP A 438 3.61 -9.78 26.82
N ASP A 439 3.76 -9.31 28.05
CA ASP A 439 2.82 -8.35 28.70
C ASP A 439 2.75 -7.06 27.88
N VAL A 440 3.89 -6.58 27.35
CA VAL A 440 4.00 -5.35 26.50
C VAL A 440 3.08 -5.48 25.27
N LYS A 441 3.08 -6.64 24.59
CA LYS A 441 2.27 -6.84 23.36
C LYS A 441 0.76 -6.89 23.70
N SER A 442 0.38 -7.21 24.93
CA SER A 442 -1.05 -7.22 25.38
C SER A 442 -1.55 -5.79 25.71
N LEU A 443 -0.66 -4.81 25.92
CA LEU A 443 -1.04 -3.40 26.20
C LEU A 443 -1.74 -2.77 24.99
N SER A 444 -1.39 -3.19 23.77
CA SER A 444 -1.91 -2.65 22.48
C SER A 444 -3.45 -2.59 22.51
N ARG A 445 -4.13 -3.64 22.95
CA ARG A 445 -5.62 -3.73 22.98
C ARG A 445 -6.16 -2.77 24.06
N VAL A 446 -5.44 -2.63 25.19
CA VAL A 446 -5.85 -1.77 26.34
C VAL A 446 -5.69 -0.29 25.93
N MET A 447 -4.55 0.07 25.33
CA MET A 447 -4.29 1.42 24.79
C MET A 447 -5.41 1.84 23.83
N ILE A 448 -5.80 1.00 22.87
CA ILE A 448 -6.83 1.34 21.83
C ILE A 448 -8.17 1.57 22.54
N HIS A 449 -8.55 0.69 23.47
CA HIS A 449 -9.83 0.78 24.23
C HIS A 449 -9.88 2.12 24.99
N VAL A 450 -8.83 2.46 25.73
CA VAL A 450 -8.80 3.65 26.61
C VAL A 450 -8.55 4.90 25.75
N PHE A 451 -7.53 4.89 24.89
CA PHE A 451 -7.14 6.09 24.11
C PHE A 451 -8.25 6.46 23.11
N SER A 452 -8.97 5.49 22.55
CA SER A 452 -10.11 5.72 21.61
C SER A 452 -11.43 6.00 22.34
N ASP A 453 -11.56 5.68 23.64
CA ASP A 453 -12.77 5.97 24.45
C ASP A 453 -12.65 7.36 25.08
N GLY A 454 -12.59 8.41 24.22
CA GLY A 454 -12.46 9.81 24.65
C GLY A 454 -12.37 10.78 23.48
N VAL A 455 -12.35 12.07 23.79
CA VAL A 455 -12.16 13.20 22.83
C VAL A 455 -10.77 13.04 22.16
N THR A 456 -10.59 13.54 20.93
CA THR A 456 -9.25 13.66 20.32
C THR A 456 -8.73 15.05 20.64
N ASN A 457 -7.60 15.13 21.33
CA ASN A 457 -6.90 16.42 21.61
C ASN A 457 -5.44 16.09 21.95
N TRP A 458 -4.59 17.10 21.93
CA TRP A 458 -3.14 16.94 22.19
C TRP A 458 -2.92 16.54 23.66
N GLY A 459 -3.81 16.96 24.57
CA GLY A 459 -3.73 16.60 26.00
C GLY A 459 -3.75 15.09 26.21
N ARG A 460 -4.68 14.37 25.55
CA ARG A 460 -4.86 12.90 25.67
C ARG A 460 -3.68 12.21 24.98
N ILE A 461 -3.14 12.81 23.93
CA ILE A 461 -1.95 12.27 23.20
C ILE A 461 -0.72 12.35 24.10
N VAL A 462 -0.56 13.45 24.81
CA VAL A 462 0.53 13.61 25.82
C VAL A 462 0.38 12.56 26.92
N THR A 463 -0.85 12.30 27.38
CA THR A 463 -1.09 11.23 28.37
C THR A 463 -0.67 9.87 27.80
N LEU A 464 -1.07 9.52 26.58
CA LEU A 464 -0.71 8.22 25.95
C LEU A 464 0.82 8.07 26.03
N ILE A 465 1.58 9.08 25.61
CA ILE A 465 3.05 8.99 25.39
C ILE A 465 3.76 9.09 26.74
N SER A 466 3.30 9.97 27.63
CA SER A 466 3.87 10.21 28.98
C SER A 466 3.74 8.95 29.83
N PHE A 467 2.58 8.29 29.78
CA PHE A 467 2.38 7.00 30.48
C PHE A 467 3.30 5.96 29.83
N GLY A 468 3.42 5.99 28.50
CA GLY A 468 4.44 5.22 27.76
C GLY A 468 5.82 5.36 28.38
N ALA A 469 6.28 6.59 28.63
CA ALA A 469 7.60 6.88 29.25
C ALA A 469 7.66 6.34 30.67
N PHE A 470 6.55 6.42 31.41
CA PHE A 470 6.44 5.90 32.81
C PHE A 470 6.72 4.40 32.81
N VAL A 471 6.11 3.69 31.86
CA VAL A 471 6.24 2.22 31.70
C VAL A 471 7.68 1.90 31.27
N ALA A 472 8.29 2.76 30.46
CA ALA A 472 9.66 2.57 29.91
C ALA A 472 10.66 2.63 31.07
N LYS A 473 10.42 3.53 32.04
CA LYS A 473 11.29 3.69 33.24
C LYS A 473 11.23 2.42 34.10
N HIS A 474 10.04 1.86 34.27
CA HIS A 474 9.80 0.54 34.90
C HIS A 474 10.55 -0.56 34.15
N LEU A 475 10.48 -0.63 32.82
CA LEU A 475 11.08 -1.75 32.05
C LEU A 475 12.61 -1.72 32.20
N LYS A 476 13.21 -0.54 32.18
CA LYS A 476 14.66 -0.32 32.50
C LYS A 476 14.97 -0.86 33.91
N THR A 477 14.12 -0.52 34.89
CA THR A 477 14.25 -0.87 36.32
C THR A 477 14.35 -2.39 36.49
N ILE A 478 13.46 -3.16 35.85
CA ILE A 478 13.37 -4.64 35.98
C ILE A 478 14.24 -5.34 34.91
N ASN A 479 15.22 -4.63 34.32
CA ASN A 479 16.19 -5.20 33.33
C ASN A 479 15.42 -5.75 32.13
N GLN A 480 14.38 -5.04 31.68
CA GLN A 480 13.56 -5.37 30.48
C GLN A 480 13.69 -4.22 29.48
N GLU A 481 14.91 -3.69 29.34
CA GLU A 481 15.21 -2.49 28.51
C GLU A 481 14.93 -2.79 27.03
N SER A 482 15.13 -4.05 26.60
CA SER A 482 14.90 -4.50 25.18
C SER A 482 13.42 -4.46 24.78
N CYS A 483 12.48 -4.24 25.72
CA CYS A 483 11.03 -4.07 25.46
C CYS A 483 10.66 -2.62 25.18
N ILE A 484 11.51 -1.63 25.47
CA ILE A 484 11.14 -0.19 25.30
C ILE A 484 10.88 0.12 23.82
N GLU A 485 11.72 -0.34 22.89
CA GLU A 485 11.57 -0.03 21.45
C GLU A 485 10.28 -0.67 20.89
N PRO A 486 9.99 -1.98 21.14
CA PRO A 486 8.67 -2.55 20.82
C PRO A 486 7.49 -1.75 21.40
N LEU A 487 7.62 -1.27 22.64
CA LEU A 487 6.58 -0.44 23.29
C LEU A 487 6.38 0.86 22.51
N ALA A 488 7.48 1.52 22.10
CA ALA A 488 7.45 2.77 21.31
C ALA A 488 6.71 2.54 19.99
N GLU A 489 6.94 1.40 19.33
CA GLU A 489 6.30 1.05 18.02
C GLU A 489 4.81 0.82 18.23
N SER A 490 4.43 0.15 19.32
CA SER A 490 3.02 -0.12 19.66
C SER A 490 2.28 1.21 19.95
N ILE A 491 2.85 2.09 20.76
CA ILE A 491 2.23 3.42 21.06
C ILE A 491 2.05 4.18 19.74
N THR A 492 3.09 4.20 18.90
CA THR A 492 3.10 4.97 17.62
C THR A 492 1.97 4.44 16.73
N ASP A 493 1.92 3.12 16.56
CA ASP A 493 0.89 2.41 15.75
C ASP A 493 -0.51 2.81 16.23
N VAL A 494 -0.77 2.74 17.54
CA VAL A 494 -2.08 3.12 18.11
C VAL A 494 -2.38 4.57 17.73
N LEU A 495 -1.44 5.51 17.98
CA LEU A 495 -1.65 6.97 17.71
C LEU A 495 -1.97 7.20 16.22
N VAL A 496 -1.13 6.72 15.30
CA VAL A 496 -1.19 7.17 13.88
C VAL A 496 -2.41 6.52 13.20
N ARG A 497 -2.67 5.23 13.44
CA ARG A 497 -3.84 4.50 12.88
C ARG A 497 -5.15 5.14 13.35
N THR A 498 -5.32 5.36 14.65
CA THR A 498 -6.63 5.79 15.22
C THR A 498 -6.86 7.30 15.00
N LYS A 499 -5.79 8.11 14.89
CA LYS A 499 -5.93 9.59 14.85
C LYS A 499 -5.34 10.16 13.54
N ARG A 500 -5.14 9.33 12.52
CA ARG A 500 -4.55 9.72 11.21
C ARG A 500 -5.15 11.04 10.69
N ASP A 501 -6.48 11.11 10.52
CA ASP A 501 -7.15 12.24 9.85
C ASP A 501 -7.00 13.51 10.71
N TRP A 502 -7.23 13.40 12.02
CA TRP A 502 -7.09 14.52 12.99
C TRP A 502 -5.64 15.04 12.98
N LEU A 503 -4.67 14.14 13.04
CA LEU A 503 -3.22 14.49 13.03
C LEU A 503 -2.89 15.27 11.76
N VAL A 504 -3.41 14.87 10.60
CA VAL A 504 -3.11 15.58 9.33
C VAL A 504 -3.80 16.95 9.32
N LYS A 505 -5.06 17.08 9.78
CA LYS A 505 -5.74 18.39 9.89
C LYS A 505 -4.95 19.34 10.83
N GLN A 506 -4.18 18.84 11.80
CA GLN A 506 -3.37 19.69 12.73
C GLN A 506 -1.99 20.02 12.15
N ARG A 507 -1.65 19.62 10.92
CA ARG A 507 -0.27 19.73 10.34
C ARG A 507 0.70 18.91 11.21
N GLY A 508 0.22 17.76 11.73
CA GLY A 508 1.03 16.78 12.46
C GLY A 508 1.72 17.39 13.67
N TRP A 509 3.00 17.09 13.83
CA TRP A 509 3.78 17.52 15.01
C TRP A 509 4.04 19.03 15.03
N ASP A 510 3.92 19.75 13.91
CA ASP A 510 3.97 21.25 13.95
C ASP A 510 2.77 21.80 14.74
N GLY A 511 1.58 21.24 14.57
CA GLY A 511 0.38 21.65 15.34
C GLY A 511 0.60 21.43 16.82
N PHE A 512 1.28 20.34 17.18
CA PHE A 512 1.62 19.99 18.58
C PHE A 512 2.53 21.06 19.19
N VAL A 513 3.60 21.41 18.47
CA VAL A 513 4.58 22.46 18.89
C VAL A 513 3.84 23.81 19.04
N GLU A 514 2.96 24.14 18.10
CA GLU A 514 2.18 25.41 18.12
C GLU A 514 1.22 25.41 19.32
N PHE A 515 0.52 24.30 19.57
CA PHE A 515 -0.60 24.22 20.54
C PHE A 515 -0.05 24.51 21.95
N PHE A 516 1.17 24.06 22.22
CA PHE A 516 1.84 24.12 23.55
C PHE A 516 2.93 25.20 23.57
N HIS A 517 3.04 26.02 22.53
CA HIS A 517 3.95 27.21 22.50
C HIS A 517 3.63 28.09 23.72
N VAL A 518 4.66 28.44 24.49
CA VAL A 518 4.54 29.28 25.72
C VAL A 518 4.16 30.70 25.29
#